data_4FF5
#
_entry.id   4FF5
#
_cell.length_a   36.460
_cell.length_b   40.880
_cell.length_c   147.460
_cell.angle_alpha   90.00
_cell.angle_beta   90.00
_cell.angle_gamma   90.00
#
_symmetry.space_group_name_H-M   'P 21 21 21'
#
loop_
_entity.id
_entity.type
_entity.pdbx_description
1 polymer 'Glycosyl hydrolase 25'
2 non-polymer 1,2-ETHANEDIOL
3 water water
#
_entity_poly.entity_id   1
_entity_poly.type   'polypeptide(L)'
_entity_poly.pdbx_seq_one_letter_code
;MRKQIHPLILFSFFGIMMFILIINRPLNDSQSFKTKSNIAQIEAQALKHLDKPIIDLSGWQRPEEINYDALSQNISGAIV
RVHSGAQTTKENDASFINGIDKAYKSHITELQKRNVPVAVYAYVAGKSVQEMEKAAEVFYNAASPYSPSYYWLDVEDKTM
SNMNEGVENFRAKLASLGAKNIGIYVGVYFMEEHSIDTGKFTSVWIPSYGSDSGFLESSPKTDLDYDIHQYTSKGKIAGF
DHDLDINVISPLKNKEETFRKLFLKP
;
_entity_poly.pdbx_strand_id   A
#
loop_
_chem_comp.id
_chem_comp.type
_chem_comp.name
_chem_comp.formula
EDO non-polymer 1,2-ETHANEDIOL 'C2 H6 O2'
#
# COMPACT_ATOMS: atom_id res chain seq x y z
N ASN A 38 -17.29 17.14 2.68
CA ASN A 38 -17.81 16.49 1.45
C ASN A 38 -16.69 15.98 0.53
N ILE A 39 -17.06 15.41 -0.62
CA ILE A 39 -16.08 14.84 -1.54
C ILE A 39 -15.25 15.92 -2.27
N ALA A 40 -15.91 17.02 -2.67
CA ALA A 40 -15.20 18.16 -3.28
C ALA A 40 -14.17 18.77 -2.32
N GLN A 41 -14.47 18.74 -1.03
CA GLN A 41 -13.56 19.26 0.01
C GLN A 41 -12.28 18.43 0.11
N ILE A 42 -12.43 17.11 0.23
CA ILE A 42 -11.27 16.20 0.27
C ILE A 42 -10.42 16.38 -0.98
N GLU A 43 -11.11 16.40 -2.12
CA GLU A 43 -10.45 16.58 -3.40
C GLU A 43 -9.67 17.89 -3.46
N ALA A 44 -10.23 18.97 -2.91
CA ALA A 44 -9.55 20.28 -2.94
C ALA A 44 -8.30 20.27 -2.05
N GLN A 45 -8.39 19.61 -0.90
CA GLN A 45 -7.25 19.45 0.00
C GLN A 45 -6.11 18.63 -0.62
N ALA A 46 -6.49 17.59 -1.34
CA ALA A 46 -5.55 16.76 -2.08
C ALA A 46 -4.89 17.51 -3.24
N LEU A 47 -5.64 18.34 -3.96
CA LEU A 47 -5.04 19.14 -5.01
C LEU A 47 -4.01 20.04 -4.34
N LYS A 48 -4.43 20.71 -3.27
CA LYS A 48 -3.58 21.59 -2.44
C LYS A 48 -2.30 20.94 -1.91
N HIS A 49 -2.36 19.66 -1.57
CA HIS A 49 -1.23 18.97 -0.95
C HIS A 49 -0.52 18.00 -1.88
N LEU A 50 -0.82 18.11 -3.18
CA LEU A 50 -0.36 17.15 -4.18
C LEU A 50 1.16 16.93 -4.20
N ASP A 51 1.95 17.95 -3.87
CA ASP A 51 3.40 17.77 -3.87
C ASP A 51 4.00 17.28 -2.54
N LYS A 52 3.13 17.02 -1.56
CA LYS A 52 3.54 16.39 -0.33
C LYS A 52 3.59 14.87 -0.58
N PRO A 53 4.46 14.15 0.14
CA PRO A 53 4.67 12.74 -0.20
C PRO A 53 3.51 11.84 0.21
N ILE A 54 3.46 10.65 -0.39
CA ILE A 54 2.53 9.59 0.01
C ILE A 54 3.29 8.63 0.95
N ILE A 55 2.71 8.35 2.11
CA ILE A 55 3.32 7.41 3.03
C ILE A 55 2.58 6.07 3.05
N ASP A 56 3.28 5.04 3.51
CA ASP A 56 2.64 3.79 3.90
C ASP A 56 3.06 3.47 5.34
N LEU A 57 2.12 2.89 6.08
CA LEU A 57 2.22 2.68 7.52
C LEU A 57 1.65 1.33 7.83
N SER A 58 2.13 0.77 8.93
CA SER A 58 1.69 -0.51 9.46
C SER A 58 1.66 -0.42 11.00
N GLY A 59 1.39 -1.56 11.65
CA GLY A 59 1.45 -1.66 13.10
C GLY A 59 2.82 -1.40 13.71
N TRP A 60 3.88 -1.45 12.90
CA TRP A 60 5.23 -1.04 13.31
C TRP A 60 5.40 0.45 13.57
N GLN A 61 4.47 1.25 13.06
CA GLN A 61 4.37 2.66 13.41
C GLN A 61 3.24 2.86 14.42
N ARG A 62 3.59 3.03 15.69
CA ARG A 62 2.59 3.12 16.77
C ARG A 62 1.77 4.44 16.72
N PRO A 63 0.44 4.33 16.60
CA PRO A 63 -0.47 5.49 16.57
C PRO A 63 -0.22 6.49 17.70
N GLU A 64 0.11 5.99 18.89
CA GLU A 64 0.35 6.86 20.05
C GLU A 64 1.63 7.69 19.88
N GLU A 65 2.47 7.29 18.92
CA GLU A 65 3.68 8.07 18.63
C GLU A 65 3.49 9.01 17.44
N ILE A 66 2.30 8.95 16.83
CA ILE A 66 1.97 9.82 15.69
C ILE A 66 1.09 11.02 16.08
N ASN A 67 1.61 12.22 15.81
CA ASN A 67 0.80 13.43 15.87
C ASN A 67 0.01 13.54 14.56
N TYR A 68 -1.21 12.99 14.55
CA TYR A 68 -1.95 12.91 13.29
C TYR A 68 -2.28 14.28 12.71
N ASP A 69 -2.59 15.25 13.59
CA ASP A 69 -2.76 16.66 13.16
C ASP A 69 -1.59 17.13 12.32
N ALA A 70 -0.38 16.95 12.82
CA ALA A 70 0.82 17.39 12.11
C ALA A 70 1.06 16.55 10.84
N LEU A 71 0.91 15.24 10.98
CA LEU A 71 1.24 14.34 9.86
C LEU A 71 0.34 14.58 8.65
N SER A 72 -0.96 14.77 8.89
CA SER A 72 -1.95 14.89 7.80
C SER A 72 -1.76 16.12 6.90
N GLN A 73 -1.19 17.18 7.47
CA GLN A 73 -0.91 18.39 6.68
C GLN A 73 0.47 18.32 5.97
N ASN A 74 1.25 17.28 6.28
CA ASN A 74 2.57 17.03 5.66
C ASN A 74 2.56 15.88 4.61
N ILE A 75 1.38 15.31 4.34
CA ILE A 75 1.26 14.24 3.36
C ILE A 75 0.09 14.47 2.39
N SER A 76 0.12 13.79 1.24
CA SER A 76 -0.96 13.85 0.28
C SER A 76 -1.91 12.66 0.36
N GLY A 77 -1.39 11.53 0.82
CA GLY A 77 -2.17 10.29 0.93
C GLY A 77 -1.44 9.27 1.77
N ALA A 78 -2.14 8.20 2.15
CA ALA A 78 -1.54 7.18 3.00
C ALA A 78 -2.02 5.80 2.57
N ILE A 79 -1.15 4.80 2.70
CA ILE A 79 -1.50 3.43 2.40
C ILE A 79 -1.23 2.60 3.65
N VAL A 80 -2.28 2.01 4.19
CA VAL A 80 -2.23 1.42 5.56
C VAL A 80 -2.27 -0.12 5.51
N ARG A 81 -1.40 -0.78 6.26
CA ARG A 81 -1.39 -2.25 6.28
C ARG A 81 -2.54 -2.78 7.10
N VAL A 82 -3.30 -3.70 6.52
CA VAL A 82 -4.44 -4.34 7.23
C VAL A 82 -4.15 -5.82 7.55
N HIS A 83 -3.43 -6.49 6.66
CA HIS A 83 -3.14 -7.89 6.84
C HIS A 83 -1.70 -8.21 6.53
N SER A 84 -1.07 -9.04 7.36
CA SER A 84 0.06 -9.82 6.87
C SER A 84 -0.20 -11.32 6.84
N GLY A 85 0.17 -11.97 5.74
CA GLY A 85 0.00 -13.40 5.67
C GLY A 85 1.13 -14.11 6.38
N THR A 88 4.42 -16.06 10.76
CA THR A 88 4.72 -15.81 12.17
C THR A 88 3.84 -16.68 13.08
N THR A 89 4.49 -17.51 13.88
CA THR A 89 3.83 -18.27 14.95
C THR A 89 4.18 -17.61 16.27
N LYS A 90 5.16 -16.70 16.22
CA LYS A 90 5.61 -15.94 17.38
C LYS A 90 4.88 -14.60 17.43
N GLU A 91 4.71 -14.09 18.64
CA GLU A 91 3.91 -12.92 18.93
C GLU A 91 4.65 -11.60 18.72
N ASN A 92 4.04 -10.63 18.03
CA ASN A 92 4.65 -9.29 17.92
C ASN A 92 3.70 -8.10 18.05
N ASP A 93 4.27 -6.90 18.18
CA ASP A 93 3.51 -5.70 18.50
C ASP A 93 2.70 -5.19 17.31
N ALA A 94 3.01 -5.67 16.12
CA ALA A 94 2.44 -5.10 14.89
C ALA A 94 1.28 -5.89 14.31
N SER A 95 1.15 -7.17 14.64
CA SER A 95 -0.02 -7.91 14.18
C SER A 95 -0.40 -9.09 15.09
N PHE A 96 -1.67 -9.51 15.01
CA PHE A 96 -2.09 -10.74 15.64
C PHE A 96 -1.65 -11.93 14.81
N ILE A 97 -1.74 -13.12 15.39
CA ILE A 97 -1.32 -14.37 14.74
C ILE A 97 -2.10 -14.67 13.48
N ASN A 98 -3.35 -14.22 13.41
CA ASN A 98 -4.17 -14.48 12.22
C ASN A 98 -3.89 -13.48 11.07
N GLY A 99 -2.89 -12.65 11.26
CA GLY A 99 -2.46 -11.68 10.24
C GLY A 99 -3.04 -10.30 10.34
N ILE A 100 -4.08 -10.12 11.15
CA ILE A 100 -4.67 -8.79 11.34
C ILE A 100 -3.66 -7.82 11.98
N ASP A 101 -3.45 -6.69 11.30
CA ASP A 101 -2.56 -5.65 11.78
C ASP A 101 -3.13 -5.00 13.06
N LYS A 102 -2.25 -4.73 14.02
CA LYS A 102 -2.68 -4.19 15.33
C LYS A 102 -2.99 -2.69 15.38
N ALA A 103 -2.65 -1.94 14.31
CA ALA A 103 -2.86 -0.49 14.30
C ALA A 103 -3.82 0.04 13.23
N TYR A 104 -4.25 -0.82 12.28
CA TYR A 104 -4.90 -0.30 11.07
C TYR A 104 -6.16 0.57 11.33
N LYS A 105 -6.98 0.21 12.33
CA LYS A 105 -8.19 0.99 12.60
C LYS A 105 -7.83 2.42 12.99
N SER A 106 -6.82 2.55 13.83
CA SER A 106 -6.28 3.86 14.22
C SER A 106 -5.73 4.68 13.06
N HIS A 107 -4.84 4.07 12.27
CA HIS A 107 -4.25 4.79 11.15
C HIS A 107 -5.31 5.22 10.17
N ILE A 108 -6.25 4.33 9.84
CA ILE A 108 -7.27 4.68 8.87
C ILE A 108 -8.21 5.77 9.39
N THR A 109 -8.82 5.53 10.55
CA THR A 109 -9.77 6.52 11.10
C THR A 109 -9.15 7.88 11.38
N GLU A 110 -7.97 7.91 11.98
CA GLU A 110 -7.34 9.20 12.32
C GLU A 110 -6.98 10.04 11.08
N LEU A 111 -6.62 9.36 10.00
CA LEU A 111 -6.26 10.05 8.79
C LEU A 111 -7.49 10.46 8.00
N GLN A 112 -8.48 9.57 7.94
CA GLN A 112 -9.71 9.88 7.21
C GLN A 112 -10.44 11.07 7.83
N LYS A 113 -10.44 11.14 9.16
CA LYS A 113 -11.12 12.23 9.87
C LYS A 113 -10.44 13.56 9.56
N ARG A 114 -9.19 13.51 9.11
CA ARG A 114 -8.45 14.72 8.75
C ARG A 114 -8.40 14.90 7.22
N ASN A 115 -9.35 14.27 6.53
CA ASN A 115 -9.57 14.41 5.09
C ASN A 115 -8.44 13.88 4.21
N VAL A 116 -7.54 13.08 4.78
CA VAL A 116 -6.49 12.41 4.00
C VAL A 116 -7.10 11.19 3.33
N PRO A 117 -6.84 11.00 2.03
CA PRO A 117 -7.34 9.78 1.44
C PRO A 117 -6.41 8.60 1.80
N VAL A 118 -7.02 7.44 2.04
CA VAL A 118 -6.32 6.31 2.60
C VAL A 118 -6.67 5.08 1.78
N ALA A 119 -5.63 4.37 1.35
CA ALA A 119 -5.77 3.09 0.70
C ALA A 119 -5.24 2.05 1.67
N VAL A 120 -5.33 0.76 1.31
CA VAL A 120 -4.91 -0.29 2.22
C VAL A 120 -4.01 -1.28 1.50
N TYR A 121 -3.23 -2.06 2.25
CA TYR A 121 -2.44 -3.15 1.67
C TYR A 121 -2.39 -4.42 2.52
N ALA A 122 -2.09 -5.53 1.88
CA ALA A 122 -1.90 -6.81 2.56
C ALA A 122 -0.61 -7.44 2.10
N TYR A 123 0.18 -7.97 3.04
CA TYR A 123 1.40 -8.71 2.71
C TYR A 123 0.97 -10.11 2.30
N VAL A 124 1.21 -10.44 1.02
CA VAL A 124 0.68 -11.66 0.41
C VAL A 124 1.65 -12.80 0.71
N ALA A 125 1.20 -13.80 1.47
CA ALA A 125 2.13 -14.84 1.90
C ALA A 125 1.47 -16.22 2.06
N GLY A 126 0.30 -16.42 1.45
CA GLY A 126 -0.37 -17.76 1.45
C GLY A 126 0.53 -18.85 0.87
N LYS A 127 0.47 -20.04 1.45
CA LYS A 127 1.28 -21.17 0.98
C LYS A 127 0.52 -22.11 0.06
N SER A 128 -0.73 -21.76 -0.22
CA SER A 128 -1.59 -22.54 -1.10
C SER A 128 -2.72 -21.64 -1.56
N VAL A 129 -3.46 -22.06 -2.59
CA VAL A 129 -4.64 -21.33 -3.04
C VAL A 129 -5.63 -21.05 -1.91
N GLN A 130 -5.83 -22.05 -1.05
CA GLN A 130 -6.78 -21.96 0.04
CA GLN A 130 -6.78 -21.95 0.08
C GLN A 130 -6.37 -20.81 0.99
N GLU A 131 -5.08 -20.79 1.37
CA GLU A 131 -4.53 -19.73 2.24
C GLU A 131 -4.60 -18.36 1.57
N MET A 132 -4.34 -18.32 0.26
CA MET A 132 -4.40 -17.05 -0.48
C MET A 132 -5.81 -16.47 -0.47
N GLU A 133 -6.81 -17.34 -0.72
CA GLU A 133 -8.20 -16.92 -0.77
C GLU A 133 -8.73 -16.53 0.63
N LYS A 134 -8.27 -17.25 1.66
CA LYS A 134 -8.60 -16.95 3.06
C LYS A 134 -8.07 -15.58 3.44
N ALA A 135 -6.80 -15.33 3.15
CA ALA A 135 -6.15 -14.06 3.45
C ALA A 135 -6.84 -12.88 2.75
N ALA A 136 -7.18 -13.06 1.47
CA ALA A 136 -7.92 -12.05 0.70
C ALA A 136 -9.26 -11.75 1.35
N GLU A 137 -9.93 -12.77 1.87
CA GLU A 137 -11.23 -12.53 2.50
C GLU A 137 -11.09 -11.80 3.84
N VAL A 138 -10.16 -12.24 4.68
CA VAL A 138 -9.84 -11.59 5.96
C VAL A 138 -9.50 -10.11 5.76
N PHE A 139 -8.75 -9.84 4.69
CA PHE A 139 -8.24 -8.50 4.33
C PHE A 139 -9.40 -7.64 3.87
N TYR A 140 -10.18 -8.17 2.92
CA TYR A 140 -11.34 -7.43 2.44
C TYR A 140 -12.34 -7.09 3.56
N ASN A 141 -12.66 -8.07 4.39
CA ASN A 141 -13.66 -7.88 5.44
C ASN A 141 -13.20 -6.90 6.50
N ALA A 142 -11.90 -6.84 6.74
CA ALA A 142 -11.39 -5.90 7.72
C ALA A 142 -11.31 -4.45 7.19
N ALA A 143 -10.99 -4.31 5.90
CA ALA A 143 -10.71 -3.02 5.33
C ALA A 143 -11.94 -2.35 4.71
N SER A 144 -12.79 -3.14 4.07
CA SER A 144 -13.92 -2.61 3.30
C SER A 144 -14.85 -1.64 4.06
N PRO A 145 -15.05 -1.85 5.39
CA PRO A 145 -15.88 -0.92 6.17
C PRO A 145 -15.38 0.52 6.10
N TYR A 146 -14.11 0.71 5.79
CA TYR A 146 -13.50 2.04 5.76
C TYR A 146 -13.51 2.70 4.38
N SER A 147 -14.06 2.01 3.39
CA SER A 147 -14.13 2.52 2.00
C SER A 147 -12.77 3.00 1.53
N PRO A 148 -11.75 2.10 1.59
CA PRO A 148 -10.42 2.55 1.18
C PRO A 148 -10.38 2.92 -0.30
N SER A 149 -9.48 3.83 -0.65
CA SER A 149 -9.38 4.31 -2.03
C SER A 149 -8.80 3.28 -3.00
N TYR A 150 -8.11 2.26 -2.48
CA TYR A 150 -7.44 1.26 -3.29
C TYR A 150 -7.09 0.08 -2.40
N TYR A 151 -7.00 -1.11 -2.98
CA TYR A 151 -6.50 -2.27 -2.27
C TYR A 151 -5.21 -2.71 -2.93
N TRP A 152 -4.15 -2.89 -2.14
CA TRP A 152 -2.84 -3.27 -2.69
C TRP A 152 -2.35 -4.61 -2.18
N LEU A 153 -1.79 -5.39 -3.10
CA LEU A 153 -1.15 -6.67 -2.76
C LEU A 153 0.34 -6.43 -2.68
N ASP A 154 0.89 -6.55 -1.47
CA ASP A 154 2.32 -6.39 -1.26
C ASP A 154 2.98 -7.76 -1.44
N VAL A 155 3.66 -7.93 -2.58
CA VAL A 155 4.24 -9.22 -2.95
C VAL A 155 5.76 -9.14 -2.83
N GLU A 156 6.36 -9.91 -1.92
CA GLU A 156 7.82 -9.84 -1.87
C GLU A 156 8.60 -11.07 -1.50
N ASP A 157 7.94 -12.13 -1.10
CA ASP A 157 8.65 -13.39 -1.13
C ASP A 157 7.85 -14.57 -1.59
N LYS A 158 8.58 -15.57 -2.07
CA LYS A 158 7.97 -16.71 -2.71
C LYS A 158 7.44 -17.65 -1.65
N THR A 159 6.13 -17.71 -1.52
CA THR A 159 5.51 -18.54 -0.48
C THR A 159 4.77 -19.72 -1.07
N MET A 160 4.75 -19.77 -2.41
CA MET A 160 4.14 -20.83 -3.20
C MET A 160 5.03 -21.08 -4.41
N SER A 161 5.12 -22.33 -4.86
CA SER A 161 6.01 -22.72 -5.96
C SER A 161 5.78 -21.89 -7.22
N ASN A 162 4.51 -21.71 -7.57
CA ASN A 162 4.13 -20.81 -8.64
C ASN A 162 3.53 -19.57 -7.97
N MET A 163 4.41 -18.64 -7.62
CA MET A 163 3.98 -17.43 -6.95
C MET A 163 3.05 -16.59 -7.83
N ASN A 164 3.26 -16.61 -9.15
CA ASN A 164 2.38 -15.87 -10.07
C ASN A 164 0.92 -16.33 -9.94
N GLU A 165 0.74 -17.64 -9.87
CA GLU A 165 -0.59 -18.24 -9.69
C GLU A 165 -1.22 -17.89 -8.33
N GLY A 166 -0.42 -18.00 -7.27
CA GLY A 166 -0.91 -17.67 -5.93
C GLY A 166 -1.33 -16.21 -5.83
N VAL A 167 -0.52 -15.32 -6.42
CA VAL A 167 -0.84 -13.89 -6.44
C VAL A 167 -2.18 -13.67 -7.14
N GLU A 168 -2.35 -14.33 -8.29
CA GLU A 168 -3.60 -14.28 -9.01
C GLU A 168 -4.77 -14.85 -8.20
N ASN A 169 -4.54 -15.93 -7.45
CA ASN A 169 -5.59 -16.46 -6.56
C ASN A 169 -6.09 -15.39 -5.59
N PHE A 170 -5.13 -14.69 -4.99
CA PHE A 170 -5.44 -13.61 -4.06
C PHE A 170 -6.23 -12.51 -4.75
N ARG A 171 -5.70 -12.01 -5.88
CA ARG A 171 -6.36 -10.96 -6.67
C ARG A 171 -7.80 -11.31 -7.07
N ALA A 172 -7.96 -12.49 -7.70
CA ALA A 172 -9.28 -12.98 -8.13
C ALA A 172 -10.28 -13.03 -6.97
N LYS A 173 -9.84 -13.54 -5.82
CA LYS A 173 -10.75 -13.62 -4.68
C LYS A 173 -11.19 -12.23 -4.23
N LEU A 174 -10.24 -11.31 -4.14
CA LEU A 174 -10.54 -9.95 -3.73
C LEU A 174 -11.56 -9.29 -4.67
N ALA A 175 -11.35 -9.49 -5.97
CA ALA A 175 -12.29 -8.98 -7.00
C ALA A 175 -13.70 -9.52 -6.79
N SER A 176 -13.81 -10.83 -6.64
CA SER A 176 -15.10 -11.50 -6.45
C SER A 176 -15.83 -11.05 -5.18
N LEU A 177 -15.10 -10.54 -4.19
CA LEU A 177 -15.71 -10.04 -2.97
C LEU A 177 -16.20 -8.61 -3.14
N GLY A 178 -15.74 -7.95 -4.19
CA GLY A 178 -16.21 -6.61 -4.54
C GLY A 178 -15.18 -5.50 -4.70
N ALA A 179 -13.92 -5.77 -4.38
CA ALA A 179 -12.85 -4.80 -4.61
C ALA A 179 -12.74 -4.46 -6.11
N LYS A 180 -12.64 -3.17 -6.42
CA LYS A 180 -12.53 -2.71 -7.80
C LYS A 180 -11.11 -2.24 -8.11
N ASN A 181 -10.54 -1.47 -7.19
CA ASN A 181 -9.21 -0.93 -7.34
C ASN A 181 -8.28 -1.92 -6.67
N ILE A 182 -7.60 -2.72 -7.49
CA ILE A 182 -6.68 -3.74 -6.98
C ILE A 182 -5.31 -3.60 -7.64
N GLY A 183 -4.35 -3.14 -6.86
CA GLY A 183 -3.03 -2.88 -7.39
C GLY A 183 -2.03 -3.86 -6.82
N ILE A 184 -0.86 -3.94 -7.45
CA ILE A 184 0.20 -4.83 -6.95
C ILE A 184 1.49 -4.04 -6.65
N TYR A 185 2.04 -4.24 -5.46
CA TYR A 185 3.37 -3.80 -5.10
C TYR A 185 4.35 -4.99 -5.26
N VAL A 186 5.39 -4.79 -6.07
CA VAL A 186 6.37 -5.85 -6.30
C VAL A 186 7.69 -5.25 -6.78
N GLY A 187 8.81 -5.78 -6.30
CA GLY A 187 10.13 -5.32 -6.79
C GLY A 187 10.37 -5.84 -8.21
N VAL A 188 11.24 -5.16 -8.95
CA VAL A 188 11.46 -5.52 -10.35
C VAL A 188 12.08 -6.94 -10.48
N TYR A 189 13.11 -7.19 -9.68
CA TYR A 189 13.79 -8.48 -9.76
C TYR A 189 12.88 -9.64 -9.37
N PHE A 190 12.08 -9.45 -8.33
CA PHE A 190 11.13 -10.47 -7.91
C PHE A 190 10.12 -10.78 -9.03
N MET A 191 9.52 -9.71 -9.56
CA MET A 191 8.56 -9.78 -10.64
C MET A 191 9.12 -10.60 -11.82
N GLU A 192 10.36 -10.28 -12.21
CA GLU A 192 10.99 -10.95 -13.36
C GLU A 192 11.37 -12.39 -13.02
N GLU A 193 11.97 -12.61 -11.84
CA GLU A 193 12.34 -13.95 -11.40
C GLU A 193 11.14 -14.92 -11.39
N HIS A 194 10.00 -14.47 -10.88
CA HIS A 194 8.84 -15.35 -10.75
C HIS A 194 7.78 -15.10 -11.77
N SER A 195 8.12 -14.35 -12.82
CA SER A 195 7.18 -14.09 -13.90
C SER A 195 5.83 -13.60 -13.35
N ILE A 196 5.88 -12.70 -12.37
CA ILE A 196 4.68 -12.14 -11.76
C ILE A 196 4.02 -11.22 -12.77
N ASP A 197 2.86 -11.65 -13.25
CA ASP A 197 2.07 -10.94 -14.24
C ASP A 197 1.32 -9.83 -13.55
N THR A 198 1.55 -8.59 -13.98
CA THR A 198 0.84 -7.46 -13.38
C THR A 198 -0.38 -7.02 -14.22
N GLY A 199 -0.58 -7.67 -15.36
CA GLY A 199 -1.56 -7.25 -16.37
C GLY A 199 -3.00 -7.07 -15.88
N LYS A 200 -3.46 -7.94 -15.00
CA LYS A 200 -4.83 -7.87 -14.51
C LYS A 200 -5.07 -6.89 -13.35
N PHE A 201 -3.98 -6.37 -12.78
CA PHE A 201 -4.08 -5.37 -11.73
C PHE A 201 -4.40 -4.01 -12.35
N THR A 202 -4.95 -3.12 -11.55
CA THR A 202 -5.37 -1.79 -12.04
C THR A 202 -4.28 -0.72 -11.84
N SER A 203 -3.27 -1.07 -11.05
CA SER A 203 -2.10 -0.21 -10.85
C SER A 203 -0.90 -1.02 -10.37
N VAL A 204 0.30 -0.45 -10.53
CA VAL A 204 1.54 -1.09 -10.08
C VAL A 204 2.31 -0.11 -9.22
N TRP A 205 2.87 -0.64 -8.12
CA TRP A 205 3.59 0.15 -7.16
C TRP A 205 4.91 -0.54 -6.97
N ILE A 206 6.02 0.17 -7.14
CA ILE A 206 7.34 -0.51 -7.12
C ILE A 206 8.33 0.15 -6.16
N PRO A 207 8.96 -0.68 -5.30
CA PRO A 207 10.02 -0.11 -4.46
C PRO A 207 11.37 0.00 -5.18
N SER A 208 12.10 1.09 -4.93
CA SER A 208 13.52 1.14 -5.35
C SER A 208 14.20 2.21 -4.49
N TYR A 209 15.11 1.77 -3.61
CA TYR A 209 15.64 2.65 -2.56
C TYR A 209 17.00 3.27 -2.81
N GLY A 210 17.72 2.80 -3.83
CA GLY A 210 19.15 3.06 -3.94
C GLY A 210 19.81 2.63 -2.64
N SER A 211 20.50 3.57 -1.98
CA SER A 211 21.18 3.33 -0.71
C SER A 211 20.25 3.40 0.51
N ASP A 212 19.01 3.86 0.30
CA ASP A 212 18.01 4.02 1.35
C ASP A 212 18.37 5.15 2.34
N SER A 213 18.57 6.34 1.77
CA SER A 213 19.05 7.53 2.47
C SER A 213 17.94 8.36 3.09
N GLY A 214 16.69 8.07 2.73
CA GLY A 214 15.55 8.89 3.09
C GLY A 214 15.08 9.81 1.99
N PHE A 215 15.81 9.81 0.88
CA PHE A 215 15.56 10.72 -0.24
C PHE A 215 15.48 9.96 -1.54
N LEU A 216 14.79 10.53 -2.53
CA LEU A 216 14.66 9.91 -3.85
C LEU A 216 16.04 9.78 -4.50
N GLU A 217 16.49 8.56 -4.77
CA GLU A 217 17.82 8.45 -5.38
C GLU A 217 17.99 7.49 -6.55
N SER A 218 17.01 6.63 -6.78
CA SER A 218 16.99 5.74 -7.93
C SER A 218 15.56 5.31 -8.14
N SER A 219 15.13 5.28 -9.40
CA SER A 219 13.78 4.88 -9.75
C SER A 219 13.74 3.43 -10.22
N PRO A 220 12.54 2.81 -10.18
CA PRO A 220 12.42 1.39 -10.56
C PRO A 220 13.10 1.06 -11.90
N LYS A 221 13.92 0.00 -11.91
CA LYS A 221 14.71 -0.36 -13.10
C LYS A 221 13.90 -1.25 -14.03
N THR A 222 12.83 -0.69 -14.58
CA THR A 222 11.94 -1.39 -15.50
C THR A 222 11.30 -0.41 -16.46
N ASP A 223 10.90 -0.89 -17.64
N ASP A 223 10.89 -0.92 -17.63
CA ASP A 223 10.13 -0.07 -18.55
CA ASP A 223 10.11 -0.18 -18.61
C ASP A 223 8.64 -0.39 -18.44
C ASP A 223 8.64 -0.28 -18.35
N LEU A 224 8.25 -1.17 -17.42
CA LEU A 224 6.84 -1.38 -17.11
C LEU A 224 6.26 -0.04 -16.61
N ASP A 225 5.01 0.31 -17.01
CA ASP A 225 4.38 1.59 -16.64
CA ASP A 225 4.41 1.61 -16.62
C ASP A 225 3.76 1.67 -15.22
N TYR A 226 4.58 1.82 -14.20
CA TYR A 226 4.08 1.85 -12.83
C TYR A 226 3.53 3.25 -12.45
N ASP A 227 2.62 3.30 -11.48
CA ASP A 227 1.97 4.54 -11.06
C ASP A 227 2.66 5.19 -9.88
N ILE A 228 3.31 4.38 -9.05
CA ILE A 228 3.78 4.90 -7.76
C ILE A 228 5.06 4.14 -7.36
N HIS A 229 5.97 4.88 -6.73
CA HIS A 229 7.34 4.44 -6.44
C HIS A 229 7.62 4.60 -4.97
N GLN A 230 7.92 3.48 -4.32
CA GLN A 230 8.35 3.53 -2.94
C GLN A 230 9.86 3.81 -2.90
N TYR A 231 10.25 5.02 -2.53
CA TYR A 231 11.65 5.41 -2.75
C TYR A 231 12.62 5.27 -1.56
N THR A 232 12.08 5.10 -0.35
CA THR A 232 12.91 4.91 0.84
C THR A 232 12.08 4.24 1.95
N SER A 233 12.76 3.53 2.85
CA SER A 233 12.14 3.06 4.08
C SER A 233 12.59 3.91 5.28
N LYS A 234 13.36 4.96 5.02
CA LYS A 234 13.99 5.74 6.09
C LYS A 234 13.68 7.22 5.98
N GLY A 235 12.48 7.52 5.49
CA GLY A 235 12.01 8.88 5.44
C GLY A 235 11.71 9.44 6.83
N LYS A 236 11.70 10.75 6.93
CA LYS A 236 11.35 11.46 8.16
C LYS A 236 10.38 12.56 7.80
N ILE A 237 9.19 12.51 8.40
CA ILE A 237 8.16 13.53 8.18
C ILE A 237 7.71 14.11 9.52
N ALA A 238 7.52 15.43 9.55
CA ALA A 238 7.08 16.12 10.77
C ALA A 238 5.76 15.54 11.29
N GLY A 239 5.72 15.21 12.58
CA GLY A 239 4.55 14.59 13.19
C GLY A 239 4.83 13.16 13.63
N PHE A 240 6.02 12.65 13.28
CA PHE A 240 6.46 11.29 13.65
C PHE A 240 7.98 11.26 13.70
N ASP A 241 8.53 10.72 14.78
CA ASP A 241 9.97 10.76 15.03
C ASP A 241 10.78 9.66 14.33
N HIS A 242 10.14 8.57 13.94
CA HIS A 242 10.85 7.40 13.45
C HIS A 242 10.76 7.26 11.95
N ASP A 243 11.47 6.25 11.43
CA ASP A 243 11.55 5.97 9.99
C ASP A 243 10.20 5.72 9.33
N LEU A 244 10.01 6.29 8.15
CA LEU A 244 8.78 6.06 7.38
C LEU A 244 9.06 5.67 5.93
N ASP A 245 8.27 4.74 5.43
CA ASP A 245 8.24 4.46 4.01
C ASP A 245 7.62 5.64 3.29
N ILE A 246 8.34 6.18 2.30
CA ILE A 246 7.81 7.30 1.52
C ILE A 246 7.73 6.93 0.04
N ASN A 247 6.66 7.41 -0.57
CA ASN A 247 6.29 7.11 -1.93
C ASN A 247 6.04 8.39 -2.71
N VAL A 248 6.21 8.31 -4.02
CA VAL A 248 5.81 9.41 -4.88
C VAL A 248 5.09 8.84 -6.13
N ILE A 249 4.10 9.56 -6.65
CA ILE A 249 3.57 9.27 -7.99
C ILE A 249 4.75 9.32 -9.01
N SER A 250 4.82 8.36 -9.92
CA SER A 250 5.93 8.34 -10.89
C SER A 250 5.93 9.61 -11.75
N PRO A 251 7.10 10.28 -11.91
CA PRO A 251 7.17 11.43 -12.81
C PRO A 251 6.88 11.07 -14.28
N LEU A 252 6.74 9.79 -14.58
CA LEU A 252 6.39 9.37 -15.94
C LEU A 252 4.89 9.43 -16.21
N LYS A 253 4.11 9.75 -15.18
CA LYS A 253 2.65 9.82 -15.30
C LYS A 253 2.23 11.27 -15.13
N ASN A 254 1.01 11.62 -15.52
CA ASN A 254 0.43 12.90 -15.12
C ASN A 254 0.12 12.84 -13.62
N LYS A 255 0.72 13.72 -12.84
CA LYS A 255 0.66 13.58 -11.38
C LYS A 255 -0.76 13.70 -10.81
N GLU A 256 -1.46 14.76 -11.19
CA GLU A 256 -2.82 14.98 -10.72
C GLU A 256 -3.78 13.85 -11.12
N GLU A 257 -3.73 13.39 -12.37
CA GLU A 257 -4.61 12.29 -12.83
C GLU A 257 -4.34 10.97 -12.11
N THR A 258 -3.07 10.67 -11.90
CA THR A 258 -2.65 9.44 -11.24
C THR A 258 -2.97 9.45 -9.75
N PHE A 259 -2.79 10.59 -9.11
CA PHE A 259 -3.22 10.72 -7.74
C PHE A 259 -4.74 10.50 -7.60
N ARG A 260 -5.51 11.11 -8.50
CA ARG A 260 -6.96 10.90 -8.52
C ARG A 260 -7.28 9.41 -8.63
N LYS A 261 -6.65 8.75 -9.59
CA LYS A 261 -6.81 7.32 -9.77
C LYS A 261 -6.60 6.53 -8.48
N LEU A 262 -5.52 6.85 -7.77
CA LEU A 262 -5.08 6.01 -6.63
C LEU A 262 -5.75 6.38 -5.32
N PHE A 263 -6.16 7.64 -5.20
CA PHE A 263 -6.63 8.15 -3.92
C PHE A 263 -8.03 8.75 -3.90
N LEU A 264 -8.54 9.15 -5.06
CA LEU A 264 -9.78 9.91 -5.09
C LEU A 264 -10.91 9.20 -5.86
N LYS A 265 -10.78 7.89 -6.07
CA LYS A 265 -11.82 7.10 -6.75
C LYS A 265 -12.18 5.77 -6.07
N PRO A 266 -12.67 5.80 -4.81
CA PRO A 266 -13.07 4.52 -4.20
C PRO A 266 -14.41 4.03 -4.74
C1 EDO B . -4.93 -1.60 -19.74
O1 EDO B . -6.04 -1.02 -19.04
C2 EDO B . -5.30 -3.05 -19.93
O2 EDO B . -4.27 -3.80 -20.54
C1 EDO C . -0.06 -12.19 20.61
O1 EDO C . -0.53 -11.31 19.58
C2 EDO C . 0.98 -11.49 21.46
O2 EDO C . 0.87 -10.05 21.39
C1 EDO D . 4.36 -2.76 22.57
O1 EDO D . 4.50 -3.85 21.65
C2 EDO D . 4.01 -3.30 23.95
O2 EDO D . 3.02 -2.48 24.58
C1 EDO E . 1.70 -16.27 8.91
O1 EDO E . 2.82 -15.39 8.73
C2 EDO E . 0.62 -15.56 9.70
O2 EDO E . -0.02 -14.53 8.92
C1 EDO F . 16.39 -10.61 -6.77
O1 EDO F . 16.81 -9.73 -5.72
C2 EDO F . 14.99 -11.13 -6.45
C1 EDO G . 16.07 -11.74 -9.74
O1 EDO G . 15.19 -12.38 -8.80
C2 EDO G . 15.55 -11.94 -11.15
O2 EDO G . 15.20 -10.65 -11.66
C1 EDO H . 19.41 -7.25 -7.34
O1 EDO H . 20.80 -7.00 -7.13
C2 EDO H . 18.70 -7.53 -6.03
O2 EDO H . 18.88 -6.44 -5.12
#